data_5NZQ
#
_entry.id   5NZQ
#
_cell.length_a   43.335
_cell.length_b   45.914
_cell.length_c   56.203
_cell.angle_alpha   97.85
_cell.angle_beta   111.05
_cell.angle_gamma   106.04
#
_symmetry.space_group_name_H-M   'P 1'
#
loop_
_entity.id
_entity.type
_entity.pdbx_description
1 polymer 'D-3-phosphoglycerate dehydrogenase'
2 non-polymer 3-(1,3-oxazol-5-yl)aniline
3 water water
#
_entity_poly.entity_id   1
_entity_poly.type   'polypeptide(L)'
_entity_poly.pdbx_seq_one_letter_code
;MLVMNTPNGNSLSAAELTCGMIMCLARQIPQATASMKDGKWERKKFMGTELNGKTLGILGLGRIGREVATRMQSFGMKTI
GYDPIISPEVSASFGVQQLPLEEIWPLCDFITVHTPLLPSTTGLLNDNTFAQCKKGVRVVNCARGGIVDEGALLRALQSG
QCAGAALDVFTEEPPRDRALVDHENVISCPHLGASTKEAQSRCGEEIAVQFVDMVKGKSLTGV
;
_entity_poly.pdbx_strand_id   B,A
#
loop_
_chem_comp.id
_chem_comp.type
_chem_comp.name
_chem_comp.formula
5AO non-polymer 3-(1,3-oxazol-5-yl)aniline 'C9 H8 N2 O'
#
# COMPACT_ATOMS: atom_id res chain seq x y z
N ASN A 8 6.08 14.00 -14.11
CA ASN A 8 6.03 15.44 -13.66
C ASN A 8 4.65 15.79 -12.99
N GLY A 9 3.65 16.04 -13.82
CA GLY A 9 2.27 15.94 -13.42
C GLY A 9 1.89 14.51 -13.06
N ASN A 10 2.63 13.48 -13.52
CA ASN A 10 2.37 12.07 -13.06
C ASN A 10 3.33 11.49 -11.99
N SER A 11 4.15 12.37 -11.41
CA SER A 11 5.22 11.92 -10.55
C SER A 11 4.64 11.28 -9.30
N LEU A 12 3.66 11.97 -8.73
CA LEU A 12 3.04 11.47 -7.56
C LEU A 12 2.30 10.19 -7.81
N SER A 13 1.61 10.06 -8.96
CA SER A 13 0.87 8.85 -9.24
C SER A 13 1.81 7.64 -9.28
N ALA A 14 2.98 7.86 -9.94
CA ALA A 14 4.04 6.88 -9.92
C ALA A 14 4.63 6.47 -8.56
N ALA A 15 5.05 7.48 -7.84
CA ALA A 15 5.54 7.33 -6.50
C ALA A 15 4.52 6.62 -5.59
N GLU A 16 3.24 7.06 -5.75
CA GLU A 16 2.20 6.43 -4.89
C GLU A 16 2.01 4.96 -5.20
N LEU A 17 2.00 4.62 -6.52
CA LEU A 17 1.94 3.20 -6.85
C LEU A 17 3.17 2.40 -6.34
N THR A 18 4.35 3.00 -6.47
CA THR A 18 5.55 2.37 -5.97
C THR A 18 5.44 2.02 -4.41
N CYS A 19 4.96 3.02 -3.62
CA CYS A 19 4.80 2.83 -2.17
C CYS A 19 3.76 1.77 -1.89
N GLY A 20 2.69 1.79 -2.68
CA GLY A 20 1.68 0.75 -2.66
C GLY A 20 2.28 -0.62 -2.87
N MET A 21 3.10 -0.72 -3.92
N MET A 21 3.10 -0.72 -3.92
CA MET A 21 3.73 -2.01 -4.18
CA MET A 21 3.73 -2.01 -4.17
C MET A 21 4.66 -2.51 -3.09
C MET A 21 4.67 -2.52 -3.09
N ILE A 22 5.43 -1.61 -2.48
CA ILE A 22 6.26 -1.93 -1.37
C ILE A 22 5.40 -2.47 -0.18
N MET A 23 4.32 -1.76 0.14
N MET A 23 4.32 -1.76 0.14
CA MET A 23 3.44 -2.25 1.17
CA MET A 23 3.42 -2.24 1.14
C MET A 23 2.88 -3.61 0.81
C MET A 23 2.88 -3.61 0.80
N CYS A 24 2.45 -3.78 -0.45
CA CYS A 24 1.90 -5.08 -0.89
C CYS A 24 2.88 -6.22 -0.78
N LEU A 25 4.16 -5.94 -1.11
CA LEU A 25 5.21 -6.93 -0.84
C LEU A 25 5.47 -7.28 0.61
N ALA A 26 5.31 -6.29 1.50
CA ALA A 26 5.59 -6.50 2.87
C ALA A 26 4.48 -7.40 3.50
N ARG A 27 3.25 -7.21 3.02
CA ARG A 27 2.11 -7.92 3.63
C ARG A 27 1.27 -8.86 2.75
N GLN A 28 1.66 -9.04 1.49
CA GLN A 28 1.00 -9.98 0.53
C GLN A 28 -0.57 -9.78 0.42
N ILE A 29 -0.91 -8.53 0.32
CA ILE A 29 -2.33 -8.13 0.30
C ILE A 29 -3.02 -8.65 -0.99
N PRO A 30 -2.36 -8.56 -2.17
CA PRO A 30 -3.00 -9.14 -3.33
C PRO A 30 -3.23 -10.67 -3.26
N GLN A 31 -2.23 -11.39 -2.70
CA GLN A 31 -2.26 -12.85 -2.61
C GLN A 31 -3.34 -13.28 -1.57
N ALA A 32 -3.36 -12.46 -0.52
CA ALA A 32 -4.32 -12.65 0.62
C ALA A 32 -5.75 -12.41 0.10
N THR A 33 -5.90 -11.39 -0.69
CA THR A 33 -7.26 -11.13 -1.31
C THR A 33 -7.70 -12.25 -2.25
N ALA A 34 -6.77 -12.73 -3.11
CA ALA A 34 -7.11 -13.87 -3.90
C ALA A 34 -7.44 -15.15 -3.12
N SER A 35 -6.71 -15.37 -2.03
CA SER A 35 -6.92 -16.48 -1.12
C SER A 35 -8.37 -16.40 -0.50
N MET A 36 -8.68 -15.23 0.04
CA MET A 36 -10.01 -15.02 0.63
C MET A 36 -11.11 -15.19 -0.43
N LYS A 37 -10.85 -14.65 -1.65
CA LYS A 37 -11.81 -14.82 -2.77
C LYS A 37 -12.03 -16.25 -3.18
N ASP A 38 -11.05 -17.11 -2.91
N ASP A 38 -11.05 -17.11 -2.89
CA ASP A 38 -11.18 -18.51 -3.19
CA ASP A 38 -11.19 -18.51 -3.11
C ASP A 38 -11.81 -19.30 -2.00
C ASP A 38 -11.83 -19.30 -1.98
N GLY A 39 -12.30 -18.57 -0.98
CA GLY A 39 -12.99 -19.18 0.15
C GLY A 39 -12.06 -19.66 1.26
N LYS A 40 -10.76 -19.39 1.12
CA LYS A 40 -9.81 -19.86 2.11
C LYS A 40 -9.51 -18.83 3.22
N TRP A 41 -9.03 -19.35 4.35
CA TRP A 41 -8.63 -18.52 5.48
C TRP A 41 -7.24 -19.02 5.90
N GLU A 42 -6.24 -18.38 5.30
CA GLU A 42 -4.89 -18.88 5.37
C GLU A 42 -3.98 -17.92 6.14
N ARG A 43 -4.00 -17.98 7.47
CA ARG A 43 -3.33 -16.96 8.26
C ARG A 43 -1.82 -17.17 8.36
N LYS A 44 -1.38 -18.42 8.52
CA LYS A 44 0.08 -18.75 8.57
C LYS A 44 0.82 -18.49 7.23
N LYS A 45 0.17 -18.81 6.12
CA LYS A 45 0.70 -18.53 4.80
C LYS A 45 1.10 -17.09 4.56
N PHE A 46 0.36 -16.15 5.17
CA PHE A 46 0.55 -14.75 4.86
C PHE A 46 1.12 -13.93 6.02
N MET A 47 1.90 -14.56 6.90
CA MET A 47 2.83 -13.86 7.84
C MET A 47 3.72 -12.91 7.04
N GLY A 48 3.85 -11.68 7.51
CA GLY A 48 4.54 -10.65 6.69
C GLY A 48 5.65 -10.01 7.48
N THR A 49 6.03 -8.79 7.08
CA THR A 49 7.10 -8.09 7.75
C THR A 49 6.69 -6.65 7.91
N GLU A 50 7.21 -6.04 8.96
CA GLU A 50 7.12 -4.62 9.15
C GLU A 50 8.15 -3.87 8.33
N LEU A 51 7.77 -2.73 7.83
CA LEU A 51 8.67 -1.77 7.11
C LEU A 51 9.52 -0.96 8.02
N ASN A 52 9.01 -0.62 9.15
CA ASN A 52 9.76 0.19 10.13
C ASN A 52 11.12 -0.44 10.45
N GLY A 53 12.18 0.34 10.33
CA GLY A 53 13.56 -0.10 10.59
C GLY A 53 14.22 -0.79 9.40
N LYS A 54 13.48 -1.07 8.31
N LYS A 54 13.48 -1.07 8.31
CA LYS A 54 14.08 -1.71 7.11
CA LYS A 54 14.09 -1.72 7.11
C LYS A 54 14.78 -0.70 6.25
C LYS A 54 14.78 -0.70 6.25
N THR A 55 15.65 -1.22 5.37
CA THR A 55 16.37 -0.38 4.45
C THR A 55 15.80 -0.50 3.05
N LEU A 56 15.51 0.66 2.48
CA LEU A 56 15.01 0.85 1.16
C LEU A 56 16.11 1.51 0.31
N GLY A 57 16.53 0.79 -0.72
CA GLY A 57 17.43 1.34 -1.74
C GLY A 57 16.65 1.87 -2.92
N ILE A 58 16.92 3.12 -3.24
CA ILE A 58 16.24 3.84 -4.31
C ILE A 58 17.30 4.14 -5.43
N LEU A 59 17.15 3.51 -6.58
CA LEU A 59 18.15 3.66 -7.63
C LEU A 59 17.53 4.60 -8.62
N GLY A 60 17.99 5.86 -8.65
CA GLY A 60 17.33 6.91 -9.38
C GLY A 60 16.65 7.88 -8.43
N LEU A 61 17.20 9.07 -8.31
CA LEU A 61 16.80 10.00 -7.25
C LEU A 61 16.31 11.25 -7.84
N GLY A 62 15.65 11.13 -8.99
CA GLY A 62 14.80 12.21 -9.54
C GLY A 62 13.54 12.43 -8.71
N ARG A 63 12.64 13.24 -9.27
CA ARG A 63 11.40 13.65 -8.63
C ARG A 63 10.69 12.43 -8.02
N ILE A 64 10.50 11.36 -8.80
CA ILE A 64 9.75 10.21 -8.34
C ILE A 64 10.45 9.52 -7.21
N GLY A 65 11.72 9.19 -7.36
CA GLY A 65 12.44 8.49 -6.32
C GLY A 65 12.51 9.29 -5.02
N ARG A 66 12.60 10.61 -5.14
CA ARG A 66 12.51 11.61 -4.05
C ARG A 66 11.22 11.50 -3.29
N GLU A 67 10.16 11.43 -4.05
N GLU A 67 10.16 11.44 -4.05
CA GLU A 67 8.79 11.41 -3.49
CA GLU A 67 8.79 11.42 -3.49
C GLU A 67 8.54 10.07 -2.78
C GLU A 67 8.54 10.07 -2.78
N VAL A 68 9.01 9.01 -3.41
CA VAL A 68 9.02 7.73 -2.78
C VAL A 68 9.74 7.76 -1.42
N ALA A 69 10.93 8.33 -1.42
CA ALA A 69 11.74 8.39 -0.25
C ALA A 69 11.09 9.03 0.93
N THR A 70 10.51 10.20 0.71
CA THR A 70 9.91 10.95 1.82
C THR A 70 8.67 10.26 2.37
N ARG A 71 7.94 9.57 1.46
CA ARG A 71 6.83 8.70 1.91
C ARG A 71 7.25 7.55 2.77
N MET A 72 8.23 6.79 2.28
CA MET A 72 8.65 5.62 3.03
C MET A 72 9.49 5.93 4.31
N GLN A 73 10.15 7.10 4.35
CA GLN A 73 10.71 7.63 5.62
C GLN A 73 9.65 7.77 6.77
N SER A 74 8.44 8.14 6.39
CA SER A 74 7.32 8.22 7.40
C SER A 74 6.98 6.85 8.03
N PHE A 75 7.26 5.77 7.33
CA PHE A 75 7.13 4.40 7.83
C PHE A 75 8.35 3.93 8.63
N GLY A 76 9.32 4.83 8.83
CA GLY A 76 10.58 4.50 9.51
C GLY A 76 11.54 3.67 8.70
N MET A 77 11.41 3.68 7.39
CA MET A 77 12.45 3.01 6.55
C MET A 77 13.71 3.86 6.48
N LYS A 78 14.87 3.21 6.50
N LYS A 78 14.87 3.22 6.50
CA LYS A 78 16.14 3.87 6.16
CA LYS A 78 16.13 3.91 6.18
C LYS A 78 16.18 3.99 4.63
C LYS A 78 16.19 3.99 4.63
N THR A 79 16.47 5.18 4.09
CA THR A 79 16.46 5.38 2.67
C THR A 79 17.85 5.75 2.18
N ILE A 80 18.38 4.82 1.39
CA ILE A 80 19.67 5.02 0.78
C ILE A 80 19.45 4.94 -0.73
N GLY A 81 20.45 5.36 -1.47
CA GLY A 81 20.28 5.31 -2.85
C GLY A 81 21.53 5.63 -3.65
N TYR A 82 21.28 5.71 -4.93
CA TYR A 82 22.36 6.01 -5.89
C TYR A 82 21.74 6.69 -7.11
N ASP A 83 22.41 7.74 -7.58
CA ASP A 83 22.08 8.47 -8.81
C ASP A 83 23.37 9.08 -9.37
N PRO A 84 23.67 8.87 -10.67
CA PRO A 84 25.02 9.25 -11.17
C PRO A 84 25.12 10.75 -11.38
N ILE A 85 23.96 11.40 -11.45
CA ILE A 85 23.87 12.77 -11.90
C ILE A 85 23.47 13.65 -10.68
N ILE A 86 22.53 13.21 -9.82
CA ILE A 86 22.06 14.03 -8.66
C ILE A 86 23.13 14.11 -7.57
N SER A 87 23.42 15.32 -7.10
CA SER A 87 24.46 15.50 -6.11
C SER A 87 24.01 14.88 -4.80
N PRO A 88 24.95 14.36 -4.00
CA PRO A 88 24.62 13.86 -2.65
C PRO A 88 24.03 14.93 -1.71
N GLU A 89 24.46 16.18 -1.85
N GLU A 89 24.44 16.18 -1.86
CA GLU A 89 23.91 17.27 -1.04
CA GLU A 89 23.88 17.29 -1.11
C GLU A 89 22.41 17.50 -1.37
C GLU A 89 22.40 17.48 -1.37
N VAL A 90 22.02 17.35 -2.63
CA VAL A 90 20.60 17.41 -3.04
C VAL A 90 19.85 16.23 -2.45
N SER A 91 20.42 15.01 -2.55
CA SER A 91 19.76 13.84 -1.99
C SER A 91 19.65 13.90 -0.49
N ALA A 92 20.71 14.34 0.17
CA ALA A 92 20.66 14.54 1.61
C ALA A 92 19.52 15.48 2.01
N SER A 93 19.15 16.45 1.14
CA SER A 93 18.07 17.42 1.43
C SER A 93 16.71 16.77 1.61
N PHE A 94 16.57 15.54 1.09
CA PHE A 94 15.38 14.77 1.27
C PHE A 94 15.69 13.37 1.88
N GLY A 95 16.73 13.34 2.73
CA GLY A 95 16.92 12.18 3.61
C GLY A 95 17.44 10.91 2.96
N VAL A 96 18.03 11.05 1.77
CA VAL A 96 18.54 9.87 1.07
C VAL A 96 20.10 9.91 1.06
N GLN A 97 20.68 8.90 1.74
CA GLN A 97 22.12 8.68 1.82
C GLN A 97 22.57 8.03 0.54
N GLN A 98 23.40 8.74 -0.19
CA GLN A 98 24.00 8.18 -1.38
C GLN A 98 25.24 7.36 -1.05
N LEU A 99 25.22 6.11 -1.54
CA LEU A 99 26.40 5.25 -1.56
C LEU A 99 26.63 4.70 -2.97
N PRO A 100 27.89 4.34 -3.23
CA PRO A 100 28.16 3.63 -4.45
C PRO A 100 27.32 2.38 -4.58
N LEU A 101 26.97 1.97 -5.80
CA LEU A 101 26.11 0.81 -6.00
C LEU A 101 26.56 -0.46 -5.34
N GLU A 102 27.88 -0.72 -5.31
CA GLU A 102 28.37 -1.93 -4.61
C GLU A 102 28.09 -1.92 -3.10
N GLU A 103 28.02 -0.75 -2.49
CA GLU A 103 27.69 -0.59 -1.10
C GLU A 103 26.17 -0.86 -0.85
N ILE A 104 25.36 -0.53 -1.84
CA ILE A 104 23.86 -0.56 -1.70
C ILE A 104 23.34 -1.99 -1.64
N TRP A 105 23.80 -2.84 -2.55
CA TRP A 105 23.13 -4.14 -2.70
C TRP A 105 23.03 -4.93 -1.37
N PRO A 106 24.15 -5.03 -0.63
CA PRO A 106 24.06 -5.92 0.54
C PRO A 106 23.16 -5.38 1.67
N LEU A 107 22.94 -4.07 1.64
CA LEU A 107 22.23 -3.37 2.76
C LEU A 107 20.71 -3.46 2.63
N CYS A 108 20.21 -3.68 1.44
CA CYS A 108 18.75 -3.38 1.15
C CYS A 108 17.85 -4.52 1.58
N ASP A 109 16.69 -4.15 2.21
CA ASP A 109 15.62 -5.13 2.33
C ASP A 109 14.71 -5.01 1.19
N PHE A 110 14.59 -3.82 0.65
CA PHE A 110 13.74 -3.54 -0.45
C PHE A 110 14.59 -2.70 -1.43
N ILE A 111 14.32 -2.91 -2.71
CA ILE A 111 14.99 -2.09 -3.76
C ILE A 111 14.02 -1.65 -4.79
N THR A 112 14.00 -0.38 -5.06
CA THR A 112 13.07 0.21 -6.03
C THR A 112 13.86 1.01 -7.08
N VAL A 113 13.43 0.89 -8.32
CA VAL A 113 14.14 1.54 -9.48
C VAL A 113 13.37 2.69 -10.08
N HIS A 114 14.03 3.84 -10.21
CA HIS A 114 13.45 5.04 -10.78
C HIS A 114 14.37 5.76 -11.80
N THR A 115 14.71 4.98 -12.81
CA THR A 115 15.71 5.37 -13.87
C THR A 115 15.06 5.34 -15.20
N PRO A 116 15.73 5.97 -16.17
CA PRO A 116 15.38 5.68 -17.55
C PRO A 116 15.96 4.32 -17.95
N LEU A 117 15.56 3.90 -19.16
CA LEU A 117 15.96 2.70 -19.81
C LEU A 117 17.09 3.08 -20.77
N LEU A 118 18.29 2.82 -20.30
CA LEU A 118 19.54 3.11 -21.04
C LEU A 118 20.37 1.89 -21.05
N PRO A 119 21.47 1.83 -21.89
CA PRO A 119 22.31 0.64 -21.80
C PRO A 119 22.84 0.37 -20.37
N SER A 120 23.21 1.44 -19.67
CA SER A 120 23.69 1.31 -18.32
C SER A 120 22.65 0.81 -17.25
N THR A 121 21.35 0.99 -17.53
CA THR A 121 20.29 0.55 -16.64
C THR A 121 19.49 -0.68 -17.02
N THR A 122 19.70 -1.16 -18.24
CA THR A 122 19.08 -2.36 -18.71
C THR A 122 19.72 -3.48 -18.01
N GLY A 123 18.99 -4.23 -17.22
CA GLY A 123 19.61 -5.27 -16.34
C GLY A 123 20.50 -4.72 -15.23
N LEU A 124 20.13 -3.51 -14.78
CA LEU A 124 20.68 -2.92 -13.56
C LEU A 124 20.62 -3.97 -12.43
N LEU A 125 19.47 -4.65 -12.29
N LEU A 125 19.47 -4.64 -12.28
CA LEU A 125 19.33 -5.82 -11.46
CA LEU A 125 19.32 -5.81 -11.45
C LEU A 125 19.42 -7.03 -12.37
C LEU A 125 19.41 -7.03 -12.37
N ASN A 126 20.46 -7.81 -12.13
CA ASN A 126 20.81 -8.96 -13.00
C ASN A 126 21.39 -10.01 -12.09
N ASP A 127 21.93 -11.10 -12.66
CA ASP A 127 22.37 -12.19 -11.81
C ASP A 127 23.54 -11.73 -10.91
N ASN A 128 24.52 -10.98 -11.46
CA ASN A 128 25.66 -10.39 -10.69
C ASN A 128 25.24 -9.51 -9.46
N THR A 129 24.23 -8.64 -9.70
CA THR A 129 23.76 -7.75 -8.62
C THR A 129 22.75 -8.38 -7.61
N PHE A 130 21.88 -9.28 -8.07
CA PHE A 130 21.16 -10.15 -7.14
C PHE A 130 22.07 -10.94 -6.25
N ALA A 131 23.26 -11.41 -6.74
CA ALA A 131 24.13 -12.18 -5.86
C ALA A 131 24.76 -11.33 -4.76
N GLN A 132 24.84 -10.03 -4.93
CA GLN A 132 25.47 -9.14 -3.97
C GLN A 132 24.40 -8.62 -2.95
N CYS A 133 23.15 -8.93 -3.26
CA CYS A 133 21.98 -8.58 -2.38
C CYS A 133 21.89 -9.41 -1.17
N LYS A 134 21.16 -8.90 -0.13
CA LYS A 134 20.91 -9.73 1.01
C LYS A 134 19.90 -10.78 0.55
N LYS A 135 20.00 -11.95 1.13
CA LYS A 135 19.05 -12.99 0.84
C LYS A 135 17.62 -12.56 1.33
N GLY A 136 16.66 -12.72 0.46
CA GLY A 136 15.30 -12.34 0.78
C GLY A 136 15.00 -10.93 0.43
N VAL A 137 15.80 -10.24 -0.35
CA VAL A 137 15.42 -8.92 -0.88
C VAL A 137 14.14 -8.94 -1.69
N ARG A 138 13.42 -7.82 -1.58
CA ARG A 138 12.20 -7.64 -2.31
C ARG A 138 12.40 -6.47 -3.24
N VAL A 139 11.88 -6.59 -4.44
CA VAL A 139 12.16 -5.63 -5.48
C VAL A 139 10.86 -5.07 -6.13
N VAL A 140 10.95 -3.82 -6.51
CA VAL A 140 9.86 -3.08 -7.14
C VAL A 140 10.42 -2.45 -8.45
N ASN A 141 9.72 -2.67 -9.54
CA ASN A 141 9.89 -1.93 -10.78
C ASN A 141 8.52 -1.33 -11.24
N CYS A 142 8.44 -0.05 -10.97
CA CYS A 142 7.40 0.80 -11.52
C CYS A 142 7.89 1.89 -12.46
N ALA A 143 9.07 1.61 -13.04
CA ALA A 143 9.71 2.55 -13.91
C ALA A 143 9.64 2.22 -15.39
N ARG A 144 10.51 1.31 -15.84
CA ARG A 144 10.61 0.92 -17.29
C ARG A 144 10.93 -0.55 -17.32
N GLY A 145 10.22 -1.24 -18.21
CA GLY A 145 10.42 -2.67 -18.42
C GLY A 145 11.89 -2.91 -18.97
N GLY A 146 12.57 -3.84 -18.31
CA GLY A 146 13.97 -4.18 -18.70
C GLY A 146 15.02 -3.71 -17.70
N ILE A 147 14.69 -2.81 -16.78
CA ILE A 147 15.67 -2.39 -15.80
C ILE A 147 16.03 -3.53 -14.93
N VAL A 148 15.01 -4.28 -14.47
CA VAL A 148 15.20 -5.54 -13.86
C VAL A 148 15.24 -6.67 -14.92
N ASP A 149 16.38 -7.39 -15.03
CA ASP A 149 16.44 -8.52 -15.95
C ASP A 149 15.48 -9.60 -15.51
N GLU A 150 14.58 -9.93 -16.43
CA GLU A 150 13.41 -10.78 -16.11
C GLU A 150 13.84 -12.23 -15.83
N GLY A 151 14.84 -12.73 -16.59
CA GLY A 151 15.37 -14.01 -16.31
C GLY A 151 16.06 -14.10 -14.99
N ALA A 152 16.81 -13.05 -14.66
CA ALA A 152 17.59 -13.02 -13.43
C ALA A 152 16.60 -12.99 -12.22
N LEU A 153 15.63 -12.15 -12.41
CA LEU A 153 14.57 -12.07 -11.39
C LEU A 153 13.93 -13.38 -11.18
N LEU A 154 13.52 -14.05 -12.25
CA LEU A 154 12.87 -15.36 -12.02
C LEU A 154 13.78 -16.32 -11.27
N ARG A 155 15.06 -16.43 -11.75
CA ARG A 155 16.07 -17.19 -11.03
C ARG A 155 16.19 -16.81 -9.58
N ALA A 156 16.18 -15.52 -9.25
CA ALA A 156 16.32 -15.14 -7.84
C ALA A 156 15.03 -15.43 -7.02
N LEU A 157 13.86 -15.34 -7.64
CA LEU A 157 12.63 -15.82 -7.00
C LEU A 157 12.65 -17.33 -6.76
N GLN A 158 13.23 -18.09 -7.66
CA GLN A 158 13.26 -19.55 -7.53
C GLN A 158 14.13 -20.03 -6.40
N SER A 159 15.26 -19.35 -6.19
CA SER A 159 16.20 -19.70 -5.15
C SER A 159 15.85 -19.14 -3.77
N GLY A 160 15.00 -18.11 -3.75
CA GLY A 160 14.70 -17.37 -2.48
C GLY A 160 15.63 -16.20 -2.25
N GLN A 161 16.64 -16.04 -3.11
CA GLN A 161 17.50 -14.88 -3.02
C GLN A 161 16.64 -13.55 -3.06
N CYS A 162 15.58 -13.59 -3.90
CA CYS A 162 14.57 -12.52 -4.00
C CYS A 162 13.27 -13.17 -3.45
N ALA A 163 12.75 -12.57 -2.38
CA ALA A 163 11.60 -13.11 -1.64
C ALA A 163 10.27 -12.64 -2.27
N GLY A 164 10.37 -11.64 -3.12
CA GLY A 164 9.26 -11.14 -3.88
C GLY A 164 9.54 -9.96 -4.76
N ALA A 165 8.71 -9.78 -5.76
CA ALA A 165 8.81 -8.66 -6.67
C ALA A 165 7.41 -8.07 -6.99
N ALA A 166 7.42 -6.79 -7.25
CA ALA A 166 6.30 -6.08 -7.76
C ALA A 166 6.64 -5.38 -9.08
N LEU A 167 5.95 -5.75 -10.12
CA LEU A 167 6.16 -5.20 -11.45
C LEU A 167 4.89 -4.50 -12.06
N ASP A 168 5.02 -3.21 -12.40
CA ASP A 168 4.10 -2.47 -13.25
C ASP A 168 4.49 -2.45 -14.72
N VAL A 169 5.74 -2.87 -15.01
CA VAL A 169 6.22 -2.76 -16.38
C VAL A 169 7.04 -4.04 -16.71
N PHE A 170 7.18 -4.33 -18.03
CA PHE A 170 7.72 -5.56 -18.52
C PHE A 170 8.48 -5.21 -19.79
N THR A 171 9.50 -6.03 -20.08
CA THR A 171 10.36 -5.90 -21.26
C THR A 171 9.46 -5.91 -22.49
N GLU A 172 8.46 -6.79 -22.46
CA GLU A 172 7.37 -6.84 -23.46
C GLU A 172 5.98 -6.65 -22.79
N GLU A 173 5.17 -5.74 -23.33
CA GLU A 173 3.82 -5.44 -22.78
C GLU A 173 2.71 -5.66 -23.84
N PRO A 174 1.70 -6.51 -23.59
CA PRO A 174 1.64 -7.39 -22.41
C PRO A 174 2.74 -8.46 -22.47
N PRO A 175 3.20 -8.94 -21.28
CA PRO A 175 4.25 -9.97 -21.21
C PRO A 175 3.83 -11.29 -21.85
N ARG A 176 4.66 -11.80 -22.75
CA ARG A 176 4.37 -13.03 -23.49
C ARG A 176 4.80 -14.22 -22.63
N ASP A 177 5.97 -14.10 -22.00
CA ASP A 177 6.47 -15.05 -20.99
C ASP A 177 5.82 -14.78 -19.64
N ARG A 178 5.17 -15.81 -19.11
CA ARG A 178 4.15 -15.73 -18.06
C ARG A 178 4.71 -16.19 -16.70
N ALA A 179 5.96 -16.61 -16.69
CA ALA A 179 6.57 -17.23 -15.51
C ALA A 179 6.72 -16.23 -14.33
N LEU A 180 7.01 -14.95 -14.62
CA LEU A 180 7.13 -13.97 -13.55
C LEU A 180 5.76 -13.68 -13.05
N VAL A 181 4.85 -13.32 -13.96
CA VAL A 181 3.45 -12.95 -13.55
C VAL A 181 2.83 -14.06 -12.74
N ASP A 182 3.00 -15.31 -13.17
CA ASP A 182 2.45 -16.48 -12.50
C ASP A 182 3.08 -16.88 -11.15
N HIS A 183 4.28 -16.38 -10.85
CA HIS A 183 4.94 -16.71 -9.58
C HIS A 183 4.18 -16.18 -8.37
N GLU A 184 4.09 -17.02 -7.32
CA GLU A 184 3.24 -16.76 -6.14
C GLU A 184 3.70 -15.49 -5.42
N ASN A 185 4.98 -15.14 -5.49
CA ASN A 185 5.59 -13.99 -4.83
C ASN A 185 5.75 -12.77 -5.70
N VAL A 186 5.08 -12.77 -6.85
CA VAL A 186 5.12 -11.63 -7.76
C VAL A 186 3.68 -11.00 -7.78
N ILE A 187 3.64 -9.69 -7.54
CA ILE A 187 2.46 -8.87 -7.74
C ILE A 187 2.73 -8.02 -8.93
N SER A 188 1.67 -7.66 -9.60
CA SER A 188 1.75 -7.01 -10.89
C SER A 188 0.51 -6.27 -11.32
N CYS A 189 0.71 -5.30 -12.18
CA CYS A 189 -0.32 -4.47 -12.75
C CYS A 189 -0.01 -4.21 -14.22
N PRO A 190 -1.02 -3.90 -15.03
CA PRO A 190 -0.87 -3.65 -16.46
C PRO A 190 -0.39 -2.19 -16.71
N HIS A 191 0.80 -1.86 -16.19
CA HIS A 191 1.37 -0.54 -16.40
C HIS A 191 0.43 0.57 -16.00
N LEU A 192 0.13 0.58 -14.73
CA LEU A 192 -0.83 1.55 -14.17
C LEU A 192 -0.15 2.74 -13.48
N GLY A 193 1.20 2.83 -13.48
CA GLY A 193 1.86 3.93 -12.78
C GLY A 193 1.34 5.35 -13.02
N ALA A 194 0.85 5.64 -14.22
CA ALA A 194 0.31 6.98 -14.54
C ALA A 194 -1.23 7.03 -14.64
N SER A 195 -1.88 5.90 -14.42
CA SER A 195 -3.32 5.74 -14.60
C SER A 195 -4.10 6.21 -13.37
N THR A 196 -4.08 7.52 -13.15
CA THR A 196 -5.04 8.06 -12.23
C THR A 196 -5.88 9.10 -12.94
N LYS A 197 -7.02 9.44 -12.33
CA LYS A 197 -7.88 10.45 -12.92
C LYS A 197 -7.15 11.77 -12.97
N GLU A 198 -6.40 12.06 -11.92
CA GLU A 198 -5.67 13.31 -11.75
C GLU A 198 -4.54 13.43 -12.79
N ALA A 199 -3.67 12.41 -12.82
CA ALA A 199 -2.54 12.38 -13.80
C ALA A 199 -3.04 12.59 -15.23
N GLN A 200 -4.02 11.77 -15.60
CA GLN A 200 -4.61 11.77 -16.93
C GLN A 200 -5.33 13.10 -17.20
N SER A 201 -5.83 13.74 -16.14
CA SER A 201 -6.70 14.91 -16.24
C SER A 201 -6.05 16.20 -15.69
N ARG A 202 -5.25 16.88 -16.52
CA ARG A 202 -4.69 18.20 -16.15
C ARG A 202 -5.78 19.27 -15.94
N ASN B 8 0.07 -2.48 20.62
CA ASN B 8 1.19 -1.77 21.36
C ASN B 8 2.58 -2.07 20.72
N GLY B 9 3.12 -3.26 21.04
CA GLY B 9 4.13 -3.88 20.21
C GLY B 9 3.61 -4.27 18.85
N ASN B 10 2.28 -4.39 18.65
CA ASN B 10 1.70 -4.62 17.30
C ASN B 10 1.02 -3.38 16.60
N SER B 11 1.28 -2.19 17.15
CA SER B 11 0.61 -1.00 16.68
C SER B 11 1.04 -0.66 15.31
N LEU B 12 2.37 -0.70 15.11
CA LEU B 12 2.91 -0.39 13.80
C LEU B 12 2.54 -1.41 12.75
N SER B 13 2.47 -2.71 13.10
CA SER B 13 2.02 -3.73 12.14
C SER B 13 0.59 -3.46 11.64
N ALA B 14 -0.24 -3.11 12.60
CA ALA B 14 -1.58 -2.69 12.26
C ALA B 14 -1.74 -1.48 11.37
N ALA B 15 -1.09 -0.44 11.77
CA ALA B 15 -1.07 0.81 11.07
C ALA B 15 -0.50 0.65 9.65
N GLU B 16 0.55 -0.20 9.57
CA GLU B 16 1.14 -0.44 8.28
C GLU B 16 0.21 -1.18 7.33
N LEU B 17 -0.45 -2.22 7.85
CA LEU B 17 -1.47 -2.90 7.04
C LEU B 17 -2.59 -1.95 6.58
N THR B 18 -3.02 -1.08 7.54
CA THR B 18 -4.10 -0.13 7.23
C THR B 18 -3.70 0.81 6.00
N CYS B 19 -2.46 1.38 6.12
CA CYS B 19 -1.90 2.24 5.04
C CYS B 19 -1.84 1.47 3.70
N GLY B 20 -1.36 0.21 3.82
CA GLY B 20 -1.39 -0.71 2.65
C GLY B 20 -2.76 -0.86 2.01
N MET B 21 -3.77 -1.10 2.88
N MET B 21 -3.75 -1.07 2.88
CA MET B 21 -5.12 -1.20 2.36
CA MET B 21 -5.09 -1.18 2.42
C MET B 21 -5.64 0.04 1.66
C MET B 21 -5.63 0.04 1.69
N ILE B 22 -5.32 1.21 2.20
CA ILE B 22 -5.69 2.46 1.60
C ILE B 22 -5.04 2.59 0.20
N MET B 23 -3.73 2.31 0.16
N MET B 23 -3.73 2.29 0.15
CA MET B 23 -3.06 2.32 -1.14
CA MET B 23 -3.06 2.27 -1.18
C MET B 23 -3.70 1.31 -2.11
C MET B 23 -3.70 1.27 -2.14
N CYS B 24 -4.06 0.11 -1.63
CA CYS B 24 -4.70 -0.90 -2.48
C CYS B 24 -6.06 -0.48 -3.02
N LEU B 25 -6.86 0.18 -2.15
CA LEU B 25 -8.08 0.80 -2.62
C LEU B 25 -7.94 1.92 -3.65
N ALA B 26 -6.89 2.75 -3.52
CA ALA B 26 -6.72 3.85 -4.39
C ALA B 26 -6.33 3.34 -5.82
N ARG B 27 -5.54 2.26 -5.83
CA ARG B 27 -5.02 1.79 -7.17
C ARG B 27 -5.44 0.42 -7.67
N GLN B 28 -6.26 -0.29 -6.90
CA GLN B 28 -6.79 -1.64 -7.25
C GLN B 28 -5.70 -2.71 -7.55
N ILE B 29 -4.69 -2.67 -6.72
CA ILE B 29 -3.52 -3.50 -6.91
C ILE B 29 -3.86 -4.97 -6.78
N PRO B 30 -4.66 -5.37 -5.74
CA PRO B 30 -5.03 -6.78 -5.69
C PRO B 30 -5.86 -7.27 -6.90
N GLN B 31 -6.78 -6.44 -7.40
CA GLN B 31 -7.61 -6.76 -8.56
C GLN B 31 -6.75 -6.86 -9.86
N ALA B 32 -5.86 -5.89 -9.91
CA ALA B 32 -4.93 -5.79 -11.12
C ALA B 32 -4.07 -7.03 -11.17
N THR B 33 -3.51 -7.40 -10.05
CA THR B 33 -2.75 -8.69 -9.96
C THR B 33 -3.58 -9.91 -10.36
N ALA B 34 -4.80 -10.03 -9.78
CA ALA B 34 -5.66 -11.11 -10.20
C ALA B 34 -5.95 -11.11 -11.73
N SER B 35 -6.15 -9.92 -12.28
CA SER B 35 -6.38 -9.73 -13.72
C SER B 35 -5.14 -10.22 -14.55
N MET B 36 -3.96 -9.72 -14.19
CA MET B 36 -2.67 -10.19 -14.83
C MET B 36 -2.50 -11.71 -14.69
N LYS B 37 -2.76 -12.26 -13.48
CA LYS B 37 -2.68 -13.71 -13.28
C LYS B 37 -3.67 -14.52 -14.12
N ASP B 38 -4.75 -13.87 -14.57
CA ASP B 38 -5.75 -14.52 -15.41
C ASP B 38 -5.43 -14.32 -16.91
N GLY B 39 -4.23 -13.80 -17.20
CA GLY B 39 -3.74 -13.71 -18.59
C GLY B 39 -4.24 -12.43 -19.27
N LYS B 40 -4.93 -11.55 -18.52
CA LYS B 40 -5.47 -10.33 -19.08
C LYS B 40 -4.57 -9.10 -18.92
N TRP B 41 -4.79 -8.12 -19.80
CA TRP B 41 -4.07 -6.86 -19.77
C TRP B 41 -5.11 -5.77 -19.87
N GLU B 42 -5.63 -5.36 -18.72
CA GLU B 42 -6.85 -4.52 -18.64
C GLU B 42 -6.57 -3.13 -18.08
N ARG B 43 -6.09 -2.22 -18.90
CA ARG B 43 -5.61 -0.93 -18.40
C ARG B 43 -6.72 0.06 -18.08
N LYS B 44 -7.75 0.13 -18.92
CA LYS B 44 -8.89 1.04 -18.68
C LYS B 44 -9.76 0.67 -17.46
N LYS B 45 -9.94 -0.64 -17.27
CA LYS B 45 -10.64 -1.17 -16.06
C LYS B 45 -10.06 -0.69 -14.71
N PHE B 46 -8.73 -0.47 -14.66
CA PHE B 46 -8.05 -0.19 -13.39
C PHE B 46 -7.48 1.22 -13.28
N MET B 47 -8.07 2.19 -13.99
CA MET B 47 -7.87 3.62 -13.69
C MET B 47 -8.11 3.90 -12.20
N GLY B 48 -7.20 4.63 -11.54
CA GLY B 48 -7.30 4.79 -10.07
C GLY B 48 -7.42 6.26 -9.66
N THR B 49 -7.07 6.54 -8.40
CA THR B 49 -7.02 7.91 -7.90
C THR B 49 -5.75 8.12 -7.10
N GLU B 50 -5.28 9.36 -7.13
CA GLU B 50 -4.17 9.81 -6.27
C GLU B 50 -4.65 10.07 -4.90
N LEU B 51 -3.85 9.77 -3.93
CA LEU B 51 -4.11 10.09 -2.49
C LEU B 51 -3.81 11.54 -2.14
N ASN B 52 -2.78 12.12 -2.76
CA ASN B 52 -2.40 13.49 -2.49
C ASN B 52 -3.62 14.44 -2.63
N GLY B 53 -3.86 15.24 -1.59
CA GLY B 53 -5.02 16.16 -1.54
C GLY B 53 -6.35 15.56 -1.11
N LYS B 54 -6.44 14.25 -0.94
N LYS B 54 -6.45 14.24 -1.01
CA LYS B 54 -7.68 13.59 -0.49
CA LYS B 54 -7.71 13.57 -0.58
C LYS B 54 -7.83 13.68 1.00
C LYS B 54 -7.82 13.56 0.95
N THR B 55 -9.07 13.48 1.45
CA THR B 55 -9.34 13.51 2.86
C THR B 55 -9.54 12.13 3.41
N LEU B 56 -8.80 11.86 4.50
CA LEU B 56 -8.82 10.62 5.26
C LEU B 56 -9.44 10.91 6.62
N GLY B 57 -10.54 10.23 6.88
CA GLY B 57 -11.22 10.29 8.18
C GLY B 57 -10.78 9.08 9.01
N ILE B 58 -10.27 9.37 10.18
CA ILE B 58 -9.76 8.40 11.12
C ILE B 58 -10.71 8.43 12.39
N LEU B 59 -11.41 7.35 12.58
CA LEU B 59 -12.39 7.28 13.70
C LEU B 59 -11.67 6.47 14.76
N GLY B 60 -11.20 7.11 15.85
CA GLY B 60 -10.35 6.45 16.81
C GLY B 60 -8.93 6.90 16.73
N LEU B 61 -8.50 7.70 17.69
CA LEU B 61 -7.25 8.46 17.49
C LEU B 61 -6.30 8.04 18.52
N GLY B 62 -6.39 6.78 18.90
CA GLY B 62 -5.38 6.12 19.71
C GLY B 62 -4.09 5.88 18.94
N ARG B 63 -3.17 5.09 19.55
CA ARG B 63 -1.79 4.83 19.04
C ARG B 63 -1.87 4.46 17.56
N ILE B 64 -2.68 3.46 17.22
CA ILE B 64 -2.74 3.01 15.80
C ILE B 64 -3.28 4.05 14.87
N GLY B 65 -4.42 4.67 15.17
CA GLY B 65 -4.94 5.74 14.30
C GLY B 65 -3.95 6.89 14.10
N ARG B 66 -3.25 7.27 15.20
N ARG B 66 -3.22 7.30 15.14
CA ARG B 66 -2.14 8.27 15.24
CA ARG B 66 -2.28 8.42 14.99
C ARG B 66 -1.06 7.94 14.22
C ARG B 66 -1.13 8.04 14.05
N GLU B 67 -0.66 6.67 14.23
N GLU B 67 -0.71 6.76 14.10
CA GLU B 67 0.44 6.19 13.40
CA GLU B 67 0.44 6.26 13.34
C GLU B 67 0.01 6.17 11.92
C GLU B 67 0.03 6.14 11.87
N VAL B 68 -1.21 5.71 11.67
CA VAL B 68 -1.83 5.83 10.39
C VAL B 68 -1.78 7.25 9.88
N ALA B 69 -2.28 8.19 10.71
CA ALA B 69 -2.26 9.54 10.33
C ALA B 69 -0.97 10.11 9.87
N THR B 70 0.09 9.91 10.63
CA THR B 70 1.37 10.58 10.27
C THR B 70 1.91 9.98 8.98
N ARG B 71 1.63 8.69 8.80
CA ARG B 71 2.05 8.02 7.53
C ARG B 71 1.32 8.60 6.34
N MET B 72 -0.02 8.68 6.43
CA MET B 72 -0.79 9.18 5.29
C MET B 72 -0.66 10.71 5.03
N GLN B 73 -0.36 11.48 6.08
CA GLN B 73 0.09 12.88 5.91
C GLN B 73 1.25 13.03 4.93
N SER B 74 2.18 12.05 4.95
CA SER B 74 3.34 12.07 4.00
C SER B 74 2.94 11.97 2.53
N PHE B 75 1.77 11.39 2.28
CA PHE B 75 1.14 11.29 0.97
C PHE B 75 0.35 12.55 0.56
N GLY B 76 0.35 13.56 1.44
CA GLY B 76 -0.44 14.76 1.30
C GLY B 76 -1.92 14.56 1.51
N MET B 77 -2.31 13.53 2.25
CA MET B 77 -3.73 13.39 2.61
C MET B 77 -4.03 14.42 3.71
N LYS B 78 -5.24 15.00 3.65
N LYS B 78 -5.23 14.95 3.66
CA LYS B 78 -5.80 15.77 4.78
CA LYS B 78 -5.77 15.75 4.77
C LYS B 78 -6.32 14.77 5.79
C LYS B 78 -6.39 14.82 5.81
N THR B 79 -5.90 14.86 7.04
CA THR B 79 -6.30 13.87 8.02
C THR B 79 -7.22 14.60 9.02
N ILE B 80 -8.47 14.13 9.02
CA ILE B 80 -9.46 14.57 10.04
C ILE B 80 -9.85 13.36 10.84
N GLY B 81 -10.59 13.57 11.93
CA GLY B 81 -11.02 12.43 12.64
C GLY B 81 -11.91 12.81 13.79
N TYR B 82 -12.20 11.80 14.56
CA TYR B 82 -13.04 11.94 15.75
C TYR B 82 -12.60 10.87 16.78
N ASP B 83 -12.56 11.27 18.03
CA ASP B 83 -12.29 10.42 19.17
C ASP B 83 -13.05 11.02 20.34
N PRO B 84 -13.80 10.17 21.10
CA PRO B 84 -14.64 10.81 22.10
C PRO B 84 -13.88 11.35 23.30
N ILE B 85 -12.65 10.85 23.53
CA ILE B 85 -11.87 11.15 24.72
C ILE B 85 -10.76 12.18 24.38
N ILE B 86 -10.05 12.00 23.24
CA ILE B 86 -8.86 12.82 22.91
C ILE B 86 -9.27 14.26 22.49
N SER B 87 -8.64 15.28 23.07
CA SER B 87 -8.98 16.70 22.83
C SER B 87 -8.56 17.12 21.44
N PRO B 88 -9.22 18.14 20.84
CA PRO B 88 -8.87 18.61 19.51
C PRO B 88 -7.47 19.22 19.45
N GLU B 89 -7.03 19.86 20.53
N GLU B 89 -7.06 19.92 20.51
CA GLU B 89 -5.69 20.45 20.57
CA GLU B 89 -5.72 20.43 20.64
C GLU B 89 -4.60 19.35 20.61
C GLU B 89 -4.69 19.30 20.51
N VAL B 90 -4.87 18.25 21.30
CA VAL B 90 -3.93 17.08 21.30
C VAL B 90 -3.86 16.46 19.91
N SER B 91 -4.99 16.27 19.25
CA SER B 91 -4.99 15.58 17.97
C SER B 91 -4.38 16.50 16.94
N ALA B 92 -4.63 17.80 17.05
CA ALA B 92 -3.95 18.78 16.18
C ALA B 92 -2.43 18.65 16.26
N SER B 93 -1.91 18.22 17.40
CA SER B 93 -0.45 18.04 17.60
C SER B 93 0.19 16.90 16.76
N PHE B 94 -0.63 16.02 16.23
CA PHE B 94 -0.23 15.03 15.24
C PHE B 94 -1.05 15.18 13.94
N GLY B 95 -1.45 16.42 13.64
CA GLY B 95 -1.97 16.73 12.35
C GLY B 95 -3.32 16.19 12.01
N VAL B 96 -4.09 15.85 13.07
CA VAL B 96 -5.49 15.40 12.88
C VAL B 96 -6.49 16.44 13.40
N GLN B 97 -7.24 16.96 12.45
CA GLN B 97 -8.35 17.92 12.74
C GLN B 97 -9.58 17.18 13.22
N GLN B 98 -9.99 17.47 14.45
CA GLN B 98 -11.17 16.83 15.01
C GLN B 98 -12.39 17.62 14.69
N LEU B 99 -13.37 16.91 14.16
CA LEU B 99 -14.70 17.42 13.98
C LEU B 99 -15.70 16.41 14.54
N PRO B 100 -16.86 16.92 14.86
CA PRO B 100 -17.93 16.04 15.24
C PRO B 100 -18.24 15.04 14.16
N LEU B 101 -18.67 13.84 14.51
CA LEU B 101 -18.94 12.83 13.48
C LEU B 101 -19.81 13.21 12.31
N GLU B 102 -20.86 14.01 12.57
CA GLU B 102 -21.73 14.43 11.49
C GLU B 102 -21.04 15.34 10.46
N GLU B 103 -20.00 16.03 10.89
CA GLU B 103 -19.15 16.85 10.02
C GLU B 103 -18.23 16.01 9.14
N ILE B 104 -17.79 14.88 9.70
CA ILE B 104 -16.80 14.00 9.08
C ILE B 104 -17.36 13.29 7.84
N TRP B 105 -18.53 12.66 7.95
CA TRP B 105 -19.02 11.79 6.87
C TRP B 105 -18.99 12.44 5.49
N PRO B 106 -19.52 13.66 5.35
CA PRO B 106 -19.56 14.23 4.02
C PRO B 106 -18.17 14.60 3.39
N LEU B 107 -17.16 14.76 4.24
CA LEU B 107 -15.82 15.31 3.80
C LEU B 107 -14.88 14.22 3.30
N CYS B 108 -15.16 12.98 3.65
CA CYS B 108 -14.13 11.91 3.54
C CYS B 108 -14.07 11.28 2.12
N ASP B 109 -12.88 11.21 1.55
CA ASP B 109 -12.72 10.32 0.44
C ASP B 109 -12.42 8.92 0.91
N PHE B 110 -11.78 8.79 2.08
CA PHE B 110 -11.44 7.50 2.66
C PHE B 110 -11.82 7.61 4.17
N ILE B 111 -12.29 6.49 4.70
CA ILE B 111 -12.57 6.37 6.16
C ILE B 111 -11.90 5.13 6.69
N THR B 112 -11.23 5.23 7.80
CA THR B 112 -10.59 4.13 8.47
C THR B 112 -10.99 4.11 9.98
N VAL B 113 -11.30 2.92 10.46
CA VAL B 113 -11.74 2.73 11.86
C VAL B 113 -10.66 2.14 12.76
N HIS B 114 -10.44 2.79 13.92
CA HIS B 114 -9.51 2.37 14.94
C HIS B 114 -10.00 2.44 16.38
N THR B 115 -11.11 1.72 16.54
CA THR B 115 -11.88 1.78 17.79
C THR B 115 -11.92 0.40 18.36
N PRO B 116 -12.30 0.32 19.64
CA PRO B 116 -12.74 -0.94 20.12
C PRO B 116 -14.15 -1.26 19.59
N LEU B 117 -14.58 -2.49 19.89
CA LEU B 117 -15.90 -3.00 19.56
C LEU B 117 -16.73 -2.84 20.84
N LEU B 118 -17.57 -1.80 20.78
CA LEU B 118 -18.47 -1.41 21.86
C LEU B 118 -19.83 -1.24 21.30
N PRO B 119 -20.91 -1.19 22.18
CA PRO B 119 -22.19 -0.81 21.56
C PRO B 119 -22.24 0.49 20.71
N SER B 120 -21.52 1.53 21.17
CA SER B 120 -21.42 2.75 20.42
C SER B 120 -20.66 2.67 19.08
N THR B 121 -19.82 1.65 18.97
CA THR B 121 -19.04 1.46 17.70
C THR B 121 -19.49 0.34 16.78
N THR B 122 -20.36 -0.52 17.26
CA THR B 122 -20.91 -1.57 16.46
C THR B 122 -21.82 -1.01 15.44
N GLY B 123 -21.55 -1.14 14.17
CA GLY B 123 -22.33 -0.43 13.10
C GLY B 123 -22.15 1.08 13.11
N LEU B 124 -21.01 1.51 13.61
CA LEU B 124 -20.53 2.88 13.49
C LEU B 124 -20.80 3.35 12.05
N LEU B 125 -20.36 2.56 11.04
N LEU B 125 -20.32 2.59 11.04
CA LEU B 125 -20.75 2.74 9.68
CA LEU B 125 -20.78 2.73 9.71
C LEU B 125 -21.92 1.85 9.38
C LEU B 125 -21.97 1.86 9.45
N ASN B 126 -23.06 2.50 9.06
CA ASN B 126 -24.33 1.77 8.88
C ASN B 126 -25.05 2.51 7.76
N ASP B 127 -26.23 2.05 7.43
CA ASP B 127 -26.96 2.66 6.32
C ASP B 127 -27.16 4.22 6.55
N ASN B 128 -27.44 4.66 7.78
N ASN B 128 -27.31 4.66 7.76
CA ASN B 128 -27.55 6.13 8.18
CA ASN B 128 -27.54 6.06 7.92
C ASN B 128 -26.29 6.96 7.90
C ASN B 128 -26.27 6.93 7.79
N THR B 129 -25.14 6.41 8.28
CA THR B 129 -23.87 7.11 8.11
C THR B 129 -23.32 6.98 6.68
N PHE B 130 -23.51 5.84 6.01
CA PHE B 130 -23.18 5.81 4.54
C PHE B 130 -23.98 6.80 3.75
N ALA B 131 -25.25 7.10 4.13
CA ALA B 131 -25.95 8.07 3.36
C ALA B 131 -25.36 9.48 3.54
N GLN B 132 -24.66 9.74 4.64
CA GLN B 132 -24.20 11.08 4.92
C GLN B 132 -22.76 11.26 4.27
N CYS B 133 -22.22 10.13 3.81
CA CYS B 133 -20.89 10.12 3.08
C CYS B 133 -20.99 10.72 1.73
N LYS B 134 -19.82 11.11 1.20
CA LYS B 134 -19.74 11.53 -0.18
C LYS B 134 -19.84 10.29 -1.02
N LYS B 135 -20.48 10.44 -2.17
CA LYS B 135 -20.63 9.32 -3.04
C LYS B 135 -19.21 8.86 -3.53
N GLY B 136 -19.00 7.56 -3.46
CA GLY B 136 -17.75 6.99 -3.87
C GLY B 136 -16.72 6.86 -2.76
N VAL B 137 -17.10 7.02 -1.48
CA VAL B 137 -16.22 6.82 -0.34
C VAL B 137 -15.64 5.42 -0.36
N ARG B 138 -14.41 5.33 0.13
CA ARG B 138 -13.69 4.07 0.23
C ARG B 138 -13.46 3.87 1.74
N VAL B 139 -13.72 2.65 2.19
CA VAL B 139 -13.65 2.34 3.62
C VAL B 139 -12.63 1.24 3.96
N VAL B 140 -12.00 1.35 5.11
CA VAL B 140 -10.99 0.41 5.61
C VAL B 140 -11.41 -0.03 7.07
N ASN B 141 -11.54 -1.31 7.31
CA ASN B 141 -11.62 -1.85 8.64
C ASN B 141 -10.44 -2.93 8.86
N CYS B 142 -9.47 -2.45 9.59
CA CYS B 142 -8.42 -3.27 10.12
C CYS B 142 -8.38 -3.36 11.63
N ALA B 143 -9.55 -3.05 12.24
CA ALA B 143 -9.67 -2.97 13.66
C ALA B 143 -10.42 -4.14 14.30
N ARG B 144 -11.77 -4.13 14.21
CA ARG B 144 -12.56 -5.17 14.81
C ARG B 144 -13.74 -5.41 13.88
N GLY B 145 -14.03 -6.68 13.67
CA GLY B 145 -15.20 -7.07 12.91
C GLY B 145 -16.49 -6.50 13.58
N GLY B 146 -17.31 -5.89 12.74
CA GLY B 146 -18.64 -5.38 13.24
C GLY B 146 -18.67 -3.87 13.32
N ILE B 147 -17.54 -3.20 13.33
CA ILE B 147 -17.53 -1.77 13.42
C ILE B 147 -18.27 -1.24 12.24
N VAL B 148 -17.89 -1.75 11.07
CA VAL B 148 -18.64 -1.51 9.86
C VAL B 148 -19.74 -2.56 9.70
N ASP B 149 -21.02 -2.08 9.67
CA ASP B 149 -22.14 -3.00 9.43
C ASP B 149 -21.99 -3.64 8.03
N GLU B 150 -21.94 -4.97 8.04
CA GLU B 150 -21.57 -5.72 6.82
C GLU B 150 -22.69 -5.68 5.76
N GLY B 151 -23.95 -5.70 6.23
CA GLY B 151 -25.11 -5.54 5.39
C GLY B 151 -25.14 -4.15 4.75
N ALA B 152 -24.83 -3.13 5.56
CA ALA B 152 -24.88 -1.75 5.08
C ALA B 152 -23.78 -1.58 4.01
N LEU B 153 -22.60 -2.06 4.38
CA LEU B 153 -21.51 -2.01 3.45
C LEU B 153 -21.84 -2.64 2.15
N LEU B 154 -22.37 -3.86 2.20
CA LEU B 154 -22.74 -4.50 0.91
C LEU B 154 -23.70 -3.66 0.08
N ARG B 155 -24.79 -3.21 0.72
CA ARG B 155 -25.70 -2.26 0.11
C ARG B 155 -25.01 -1.03 -0.45
N ALA B 156 -24.07 -0.43 0.27
CA ALA B 156 -23.42 0.78 -0.25
C ALA B 156 -22.46 0.43 -1.44
N LEU B 157 -21.81 -0.74 -1.39
CA LEU B 157 -21.03 -1.22 -2.57
C LEU B 157 -21.93 -1.49 -3.77
N GLN B 158 -23.16 -1.97 -3.54
CA GLN B 158 -24.07 -2.25 -4.65
C GLN B 158 -24.56 -1.01 -5.37
N SER B 159 -24.80 0.04 -4.59
CA SER B 159 -25.31 1.32 -5.12
C SER B 159 -24.22 2.25 -5.67
N GLY B 160 -22.96 1.96 -5.35
CA GLY B 160 -21.85 2.87 -5.68
C GLY B 160 -21.64 3.99 -4.67
N GLN B 161 -22.51 4.10 -3.68
CA GLN B 161 -22.26 5.02 -2.59
C GLN B 161 -20.88 4.79 -1.90
N CYS B 162 -20.48 3.51 -1.78
CA CYS B 162 -19.18 3.13 -1.35
C CYS B 162 -18.54 2.53 -2.65
N ALA B 163 -17.39 3.10 -3.05
CA ALA B 163 -16.64 2.71 -4.29
C ALA B 163 -15.64 1.54 -4.06
N GLY B 164 -15.38 1.27 -2.80
CA GLY B 164 -14.59 0.12 -2.41
C GLY B 164 -14.41 -0.01 -0.90
N ALA B 165 -14.04 -1.20 -0.47
CA ALA B 165 -13.71 -1.43 0.89
C ALA B 165 -12.58 -2.39 1.06
N ALA B 166 -11.92 -2.30 2.18
CA ALA B 166 -10.76 -3.19 2.54
C ALA B 166 -10.97 -3.73 3.93
N LEU B 167 -11.14 -5.03 4.03
CA LEU B 167 -11.44 -5.66 5.33
C LEU B 167 -10.41 -6.70 5.77
N ASP B 168 -9.76 -6.47 6.90
CA ASP B 168 -8.91 -7.45 7.60
C ASP B 168 -9.73 -8.28 8.61
N VAL B 169 -10.93 -7.76 8.99
CA VAL B 169 -11.67 -8.37 10.06
C VAL B 169 -13.16 -8.42 9.68
N PHE B 170 -13.87 -9.40 10.31
CA PHE B 170 -15.24 -9.75 9.97
C PHE B 170 -16.01 -10.09 11.25
N THR B 171 -17.32 -9.85 11.18
CA THR B 171 -18.26 -10.11 12.30
C THR B 171 -18.11 -11.56 12.71
N GLU B 172 -17.99 -12.44 11.73
CA GLU B 172 -17.65 -13.86 11.94
C GLU B 172 -16.33 -14.26 11.17
N GLU B 173 -15.39 -14.89 11.85
CA GLU B 173 -14.05 -15.26 11.27
C GLU B 173 -13.76 -16.79 11.37
N PRO B 174 -13.54 -17.53 10.26
CA PRO B 174 -13.68 -16.99 8.90
C PRO B 174 -15.12 -16.62 8.55
N PRO B 175 -15.30 -15.63 7.63
CA PRO B 175 -16.66 -15.19 7.23
C PRO B 175 -17.42 -16.27 6.51
N ARG B 176 -18.62 -16.50 7.02
CA ARG B 176 -19.52 -17.50 6.51
C ARG B 176 -20.29 -16.90 5.28
N ASP B 177 -20.77 -15.66 5.43
CA ASP B 177 -21.36 -14.87 4.34
C ASP B 177 -20.26 -14.28 3.44
N ARG B 178 -20.36 -14.61 2.16
CA ARG B 178 -19.29 -14.48 1.20
C ARG B 178 -19.51 -13.28 0.24
N ALA B 179 -20.62 -12.56 0.41
CA ALA B 179 -21.03 -11.50 -0.53
C ALA B 179 -20.11 -10.29 -0.52
N LEU B 180 -19.56 -9.95 0.66
CA LEU B 180 -18.60 -8.87 0.75
C LEU B 180 -17.29 -9.33 0.16
N VAL B 181 -16.78 -10.47 0.62
CA VAL B 181 -15.44 -10.97 0.17
C VAL B 181 -15.46 -11.08 -1.35
N ASP B 182 -16.54 -11.62 -1.91
CA ASP B 182 -16.64 -11.85 -3.35
C ASP B 182 -16.82 -10.61 -4.21
N HIS B 183 -17.21 -9.47 -3.61
CA HIS B 183 -17.41 -8.25 -4.40
C HIS B 183 -16.10 -7.74 -5.06
N GLU B 184 -16.20 -7.29 -6.33
CA GLU B 184 -15.07 -6.87 -7.17
C GLU B 184 -14.30 -5.66 -6.58
N ASN B 185 -14.98 -4.83 -5.80
CA ASN B 185 -14.39 -3.67 -5.16
C ASN B 185 -13.98 -3.86 -3.68
N VAL B 186 -13.97 -5.09 -3.21
CA VAL B 186 -13.60 -5.39 -1.85
C VAL B 186 -12.28 -6.18 -1.92
N ILE B 187 -11.33 -5.71 -1.16
CA ILE B 187 -10.06 -6.39 -0.90
C ILE B 187 -10.08 -6.83 0.55
N SER B 188 -9.38 -7.90 0.86
CA SER B 188 -9.48 -8.54 2.11
C SER B 188 -8.30 -9.37 2.48
N CYS B 189 -8.05 -9.58 3.75
CA CYS B 189 -7.07 -10.46 4.31
C CYS B 189 -7.65 -11.25 5.50
N PRO B 190 -7.09 -12.40 5.87
CA PRO B 190 -7.57 -13.23 6.95
C PRO B 190 -7.07 -12.75 8.31
N HIS B 191 -7.44 -11.51 8.64
CA HIS B 191 -7.04 -10.90 9.95
C HIS B 191 -5.52 -10.93 10.13
N LEU B 192 -4.84 -10.24 9.23
CA LEU B 192 -3.36 -10.25 9.26
C LEU B 192 -2.77 -9.03 9.93
N GLY B 193 -3.60 -8.15 10.49
CA GLY B 193 -3.04 -6.93 11.07
C GLY B 193 -1.86 -7.08 12.02
N ALA B 194 -1.80 -8.15 12.80
CA ALA B 194 -0.74 -8.36 13.78
C ALA B 194 0.27 -9.39 13.31
N SER B 195 0.03 -9.96 12.13
CA SER B 195 0.84 -11.09 11.60
C SER B 195 2.13 -10.60 10.91
N THR B 196 3.04 -10.05 11.71
CA THR B 196 4.35 -9.86 11.19
C THR B 196 5.36 -10.64 12.06
N LYS B 197 6.53 -10.87 11.51
CA LYS B 197 7.57 -11.55 12.26
C LYS B 197 7.95 -10.75 13.47
N GLU B 198 8.05 -9.44 13.30
CA GLU B 198 8.40 -8.49 14.35
C GLU B 198 7.35 -8.46 15.50
N ALA B 199 6.08 -8.21 15.14
CA ALA B 199 4.95 -8.20 16.12
C ALA B 199 4.90 -9.49 16.93
N GLN B 200 4.90 -10.60 16.19
CA GLN B 200 4.81 -11.94 16.79
C GLN B 200 6.06 -12.24 17.62
N SER B 201 7.19 -11.63 17.26
CA SER B 201 8.50 -11.98 17.83
C SER B 201 9.13 -10.86 18.67
N ARG B 202 8.76 -10.77 19.94
CA ARG B 202 9.36 -9.79 20.85
C ARG B 202 10.87 -10.06 21.05
NAA 5AO C . 23.44 2.76 -13.01
CAB 5AO C . 21.09 4.29 -10.63
CAC 5AO C . 22.02 3.43 -11.16
CAD 5AO C . 20.60 5.34 -11.38
CAE 5AO C . 20.33 8.12 -15.02
CAF 5AO C . 19.58 7.60 -13.13
CAG 5AO C . 21.99 4.66 -13.23
NAH 5AO C . 19.45 8.51 -14.11
OAI 5AO C . 20.95 6.90 -14.76
CAJ 5AO C . 22.48 3.62 -12.46
CAK 5AO C . 21.05 5.54 -12.69
CAL 5AO C . 20.51 6.65 -13.47
NAA 5AO D . -18.63 6.70 18.57
CAB 5AO D . -15.27 7.19 17.14
CAC 5AO D . -16.64 7.25 17.28
CAD 5AO D . -14.49 6.59 18.10
CAE 5AO D . -13.85 4.44 22.18
CAF 5AO D . -12.96 5.08 20.38
CAG 5AO D . -16.46 6.02 19.34
NAH 5AO D . -12.66 4.68 21.66
OAI 5AO D . -14.93 4.85 21.40
CAJ 5AO D . -17.25 6.65 18.39
CAK 5AO D . -15.08 5.93 19.17
CAL 5AO D . -14.29 5.29 20.22
#